data_1POB
#
_entry.id   1POB
#
_cell.length_a   34.600
_cell.length_b   73.500
_cell.length_c   181.600
_cell.angle_alpha   90.00
_cell.angle_beta   90.00
_cell.angle_gamma   90.00
#
_symmetry.space_group_name_H-M   'C 2 2 21'
#
loop_
_entity.id
_entity.type
_entity.pdbx_description
1 polymer 'PHOSPHOLIPASE A2'
2 non-polymer 'CALCIUM ION'
3 non-polymer 1-O-OCTYL-2-HEPTYLPHOSPHONYL-SN-GLYCERO-3-PHOSPHOETHANOLAMINE
4 water water
#
_entity_poly.entity_id   1
_entity_poly.type   'polypeptide(L)'
_entity_poly.pdbx_seq_one_letter_code
;NLYQFKNMIQCTVPSRSWWDFADYGCYCGRGGSGTPVDDLDRCCQVHDNCYNEAEKISGCWPYFKTYSYECSQGTLTCKG
GNNACAAAVCDCDRLAAICFAGAPYNDNDYNINLKARC
;
_entity_poly.pdbx_strand_id   A,B
#
loop_
_chem_comp.id
_chem_comp.type
_chem_comp.name
_chem_comp.formula
CA non-polymer 'CALCIUM ION' 'Ca 2'
GEL non-polymer 1-O-OCTYL-2-HEPTYLPHOSPHONYL-SN-GLYCERO-3-PHOSPHOETHANOLAMINE 'C20 H45 N O8 P2'
#
# COMPACT_ATOMS: atom_id res chain seq x y z
N ASN A 1 21.12 -20.80 -1.69
CA ASN A 1 20.97 -20.33 -3.09
C ASN A 1 19.49 -20.25 -3.50
N LEU A 2 19.28 -19.33 -4.42
CA LEU A 2 17.94 -18.92 -4.90
C LEU A 2 17.06 -20.08 -5.36
N TYR A 3 17.65 -21.17 -5.83
CA TYR A 3 16.85 -22.34 -6.26
C TYR A 3 16.26 -23.02 -5.02
N GLN A 4 17.07 -23.00 -3.97
CA GLN A 4 16.69 -23.61 -2.69
C GLN A 4 15.63 -22.75 -1.99
N PHE A 5 15.80 -21.44 -2.12
CA PHE A 5 14.84 -20.49 -1.50
C PHE A 5 13.46 -20.68 -2.14
N LYS A 6 13.47 -20.85 -3.44
CA LYS A 6 12.24 -21.07 -4.22
C LYS A 6 11.50 -22.30 -3.69
N ASN A 7 12.29 -23.29 -3.32
CA ASN A 7 11.75 -24.56 -2.80
C ASN A 7 11.26 -24.38 -1.35
N MET A 8 11.91 -23.51 -0.63
CA MET A 8 11.49 -23.20 0.74
C MET A 8 10.10 -22.57 0.75
N ILE A 9 9.88 -21.70 -0.22
CA ILE A 9 8.58 -20.98 -0.36
C ILE A 9 7.49 -21.97 -0.75
N GLN A 10 7.93 -22.97 -1.47
CA GLN A 10 7.07 -24.07 -1.91
C GLN A 10 6.63 -24.85 -0.69
N CYS A 11 7.54 -24.94 0.24
CA CYS A 11 7.35 -25.65 1.50
C CYS A 11 6.24 -24.98 2.35
N THR A 12 6.35 -23.67 2.51
CA THR A 12 5.43 -22.92 3.41
C THR A 12 4.22 -22.27 2.70
N VAL A 13 4.31 -22.03 1.41
CA VAL A 13 3.16 -21.46 0.64
C VAL A 13 3.04 -22.22 -0.67
N PRO A 14 2.54 -23.46 -0.60
CA PRO A 14 2.41 -24.33 -1.77
C PRO A 14 1.43 -23.83 -2.81
N SER A 15 0.44 -23.08 -2.34
CA SER A 15 -0.69 -22.62 -3.17
C SER A 15 -0.40 -21.40 -4.06
N ARG A 16 0.79 -20.89 -3.95
CA ARG A 16 1.18 -19.68 -4.69
C ARG A 16 2.48 -19.95 -5.45
N SER A 17 2.58 -19.38 -6.64
CA SER A 17 3.81 -19.52 -7.44
C SER A 17 4.83 -18.56 -6.87
N TRP A 18 6.08 -18.98 -6.85
CA TRP A 18 7.16 -18.12 -6.31
C TRP A 18 7.22 -16.82 -7.11
N TRP A 19 6.81 -16.92 -8.38
CA TRP A 19 6.82 -15.77 -9.31
C TRP A 19 6.06 -14.57 -8.75
N ASP A 20 5.07 -14.87 -7.93
CA ASP A 20 4.19 -13.84 -7.35
C ASP A 20 4.91 -12.97 -6.32
N PHE A 21 6.02 -13.47 -5.84
CA PHE A 21 6.82 -12.78 -4.81
C PHE A 21 8.04 -12.09 -5.41
N ALA A 22 8.27 -12.36 -6.69
CA ALA A 22 9.48 -11.87 -7.37
C ALA A 22 9.41 -10.38 -7.80
N ASP A 23 8.20 -9.83 -7.85
CA ASP A 23 8.00 -8.41 -8.24
C ASP A 23 6.80 -7.86 -7.47
N TYR A 24 7.03 -7.62 -6.21
CA TYR A 24 5.98 -7.20 -5.28
C TYR A 24 6.46 -6.12 -4.31
N GLY A 25 5.63 -5.09 -4.22
CA GLY A 25 5.87 -3.95 -3.32
C GLY A 25 7.13 -3.22 -3.73
N CYS A 26 7.78 -2.65 -2.73
CA CYS A 26 9.01 -1.88 -2.93
C CYS A 26 10.25 -2.72 -2.63
N TYR A 27 10.07 -3.91 -2.08
CA TYR A 27 11.23 -4.71 -1.63
C TYR A 27 11.33 -6.15 -2.15
N CYS A 28 10.23 -6.79 -2.51
CA CYS A 28 10.30 -8.18 -3.03
C CYS A 28 10.68 -8.10 -4.52
N GLY A 29 11.89 -8.58 -4.78
CA GLY A 29 12.55 -8.54 -6.11
C GLY A 29 14.00 -8.10 -5.87
N ARG A 30 14.77 -7.91 -6.93
CA ARG A 30 16.19 -7.48 -6.79
C ARG A 30 16.21 -6.04 -6.25
N GLY A 31 16.91 -5.88 -5.14
CA GLY A 31 17.06 -4.57 -4.46
C GLY A 31 15.77 -4.20 -3.70
N GLY A 32 15.64 -2.91 -3.44
CA GLY A 32 14.46 -2.36 -2.75
C GLY A 32 14.82 -1.10 -1.95
N SER A 33 13.82 -0.24 -1.81
CA SER A 33 13.93 1.01 -1.03
C SER A 33 12.54 1.63 -0.91
N GLY A 34 12.47 2.65 -0.07
CA GLY A 34 11.23 3.37 0.21
C GLY A 34 10.58 2.75 1.45
N THR A 35 9.28 3.00 1.57
CA THR A 35 8.49 2.48 2.69
C THR A 35 7.83 1.16 2.33
N PRO A 36 7.99 0.07 3.12
CA PRO A 36 7.29 -1.16 2.82
C PRO A 36 5.83 -0.82 2.67
N VAL A 37 5.24 -1.46 1.71
CA VAL A 37 3.88 -1.19 1.26
C VAL A 37 2.83 -1.97 2.13
N ASP A 38 3.25 -3.06 2.70
CA ASP A 38 2.38 -3.87 3.57
C ASP A 38 3.26 -4.89 4.29
N ASP A 39 2.65 -5.82 4.98
CA ASP A 39 3.41 -6.81 5.78
C ASP A 39 4.28 -7.73 4.94
N LEU A 40 3.76 -8.15 3.81
CA LEU A 40 4.54 -9.04 2.91
C LEU A 40 5.81 -8.33 2.45
N ASP A 41 5.66 -7.05 2.10
CA ASP A 41 6.79 -6.21 1.65
C ASP A 41 7.83 -6.09 2.75
N ARG A 42 7.35 -6.05 3.99
CA ARG A 42 8.23 -5.94 5.16
C ARG A 42 9.00 -7.25 5.34
N CYS A 43 8.40 -8.35 4.90
CA CYS A 43 9.12 -9.65 4.96
C CYS A 43 10.37 -9.58 4.09
N CYS A 44 10.19 -8.98 2.93
CA CYS A 44 11.27 -8.82 1.93
C CYS A 44 12.31 -7.81 2.40
N GLN A 45 11.84 -6.72 2.98
CA GLN A 45 12.74 -5.68 3.50
C GLN A 45 13.69 -6.29 4.55
N VAL A 46 13.11 -7.10 5.41
CA VAL A 46 13.88 -7.76 6.49
C VAL A 46 14.88 -8.76 5.90
N HIS A 47 14.38 -9.47 4.88
CA HIS A 47 15.15 -10.51 4.16
C HIS A 47 16.35 -9.86 3.46
N ASP A 48 16.10 -8.74 2.81
CA ASP A 48 17.14 -7.98 2.13
C ASP A 48 18.25 -7.59 3.13
N ASN A 49 17.82 -7.14 4.29
CA ASN A 49 18.77 -6.70 5.33
C ASN A 49 19.56 -7.89 5.89
N CYS A 50 18.92 -9.04 5.92
CA CYS A 50 19.53 -10.28 6.42
C CYS A 50 20.69 -10.70 5.49
N TYR A 51 20.42 -10.55 4.20
CA TYR A 51 21.40 -10.90 3.15
C TYR A 51 22.62 -9.95 3.25
N ASN A 52 22.31 -8.68 3.45
CA ASN A 52 23.34 -7.63 3.57
C ASN A 52 24.25 -7.92 4.76
N GLU A 53 23.68 -8.55 5.77
CA GLU A 53 24.42 -8.93 6.99
C GLU A 53 25.31 -10.13 6.70
N ALA A 54 24.76 -11.04 5.90
CA ALA A 54 25.44 -12.29 5.52
C ALA A 54 26.62 -11.99 4.58
N GLU A 55 26.51 -10.89 3.87
CA GLU A 55 27.53 -10.48 2.89
C GLU A 55 28.80 -9.97 3.59
N LYS A 56 28.67 -9.68 4.87
CA LYS A 56 29.82 -9.19 5.67
C LYS A 56 30.74 -10.37 6.02
N ILE A 57 30.23 -11.57 5.85
CA ILE A 57 31.02 -12.79 6.03
C ILE A 57 31.87 -12.92 4.77
N SER A 58 33.18 -12.90 4.94
CA SER A 58 34.09 -12.90 3.79
C SER A 58 33.85 -14.14 2.93
N GLY A 59 33.70 -13.85 1.64
CA GLY A 59 33.48 -14.85 0.58
C GLY A 59 32.03 -15.34 0.57
N CYS A 60 31.17 -14.62 1.26
CA CYS A 60 29.74 -15.01 1.36
C CYS A 60 28.87 -14.20 0.38
N TRP A 61 28.28 -14.95 -0.54
CA TRP A 61 27.35 -14.42 -1.55
C TRP A 61 26.02 -15.17 -1.41
N PRO A 62 25.05 -14.56 -0.71
CA PRO A 62 23.77 -15.20 -0.40
C PRO A 62 23.04 -15.78 -1.60
N TYR A 63 23.01 -15.06 -2.69
CA TYR A 63 22.27 -15.52 -3.90
C TYR A 63 22.73 -16.90 -4.40
N PHE A 64 24.01 -17.18 -4.22
CA PHE A 64 24.65 -18.36 -4.83
C PHE A 64 25.04 -19.50 -3.85
N LYS A 65 25.19 -19.19 -2.58
CA LYS A 65 25.63 -20.21 -1.60
C LYS A 65 24.53 -21.23 -1.31
N THR A 66 24.89 -22.50 -1.54
CA THR A 66 23.99 -23.63 -1.29
C THR A 66 24.17 -24.06 0.16
N TYR A 67 23.04 -24.39 0.78
CA TYR A 67 23.02 -24.79 2.19
C TYR A 67 22.17 -26.06 2.33
N SER A 68 22.21 -26.65 3.53
CA SER A 68 21.39 -27.83 3.84
C SER A 68 20.24 -27.43 4.74
N TYR A 69 19.10 -27.94 4.38
CA TYR A 69 17.85 -27.69 5.09
C TYR A 69 16.86 -28.78 4.71
N GLU A 70 15.82 -28.89 5.48
CA GLU A 70 14.76 -29.84 5.19
C GLU A 70 13.42 -29.20 5.44
N CYS A 71 12.49 -29.57 4.60
CA CYS A 71 11.10 -29.14 4.73
C CYS A 71 10.31 -30.32 5.24
N SER A 72 9.61 -30.11 6.32
CA SER A 72 8.77 -31.16 6.92
C SER A 72 7.42 -30.56 7.31
N GLN A 73 6.41 -31.09 6.64
CA GLN A 73 5.05 -30.59 6.76
C GLN A 73 5.06 -29.22 6.07
N GLY A 74 5.04 -28.18 6.89
CA GLY A 74 5.10 -26.78 6.41
C GLY A 74 6.12 -26.01 7.26
N THR A 75 6.96 -26.77 7.94
CA THR A 75 8.00 -26.22 8.80
C THR A 75 9.36 -26.46 8.12
N LEU A 76 10.24 -25.52 8.37
CA LEU A 76 11.59 -25.45 7.77
C LEU A 76 12.69 -25.50 8.85
N THR A 77 13.76 -26.25 8.58
CA THR A 77 14.95 -26.29 9.46
C THR A 77 16.23 -26.48 8.67
N CYS A 78 17.22 -25.68 9.04
CA CYS A 78 18.57 -25.72 8.46
C CYS A 78 19.32 -26.87 9.14
N LYS A 79 20.03 -27.64 8.35
CA LYS A 79 20.70 -28.86 8.84
C LYS A 79 22.23 -28.77 8.77
N GLY A 80 22.83 -29.87 9.19
CA GLY A 80 24.28 -30.03 9.27
C GLY A 80 24.92 -29.90 7.89
N GLY A 81 26.19 -29.53 7.93
CA GLY A 81 27.02 -29.41 6.71
C GLY A 81 27.28 -27.96 6.31
N ASN A 82 26.53 -27.05 6.90
CA ASN A 82 26.66 -25.61 6.57
C ASN A 82 27.86 -24.98 7.26
N ASN A 83 28.59 -24.18 6.48
CA ASN A 83 29.69 -23.37 7.01
C ASN A 83 29.06 -22.06 7.48
N ALA A 84 29.87 -21.13 7.90
CA ALA A 84 29.36 -19.86 8.46
C ALA A 84 28.43 -19.15 7.48
N CYS A 85 28.83 -19.12 6.22
CA CYS A 85 28.05 -18.44 5.17
C CYS A 85 26.71 -19.15 4.91
N ALA A 86 26.78 -20.45 4.70
CA ALA A 86 25.57 -21.26 4.39
C ALA A 86 24.53 -21.18 5.51
N ALA A 87 25.02 -21.27 6.73
CA ALA A 87 24.17 -21.24 7.93
C ALA A 87 23.42 -19.89 8.00
N ALA A 88 24.16 -18.82 7.83
CA ALA A 88 23.61 -17.45 7.88
C ALA A 88 22.55 -17.23 6.78
N VAL A 89 22.85 -17.70 5.59
CA VAL A 89 21.96 -17.54 4.43
C VAL A 89 20.72 -18.42 4.56
N CYS A 90 20.94 -19.65 4.99
CA CYS A 90 19.85 -20.60 5.20
C CYS A 90 18.83 -19.99 6.18
N ASP A 91 19.35 -19.42 7.26
CA ASP A 91 18.51 -18.82 8.30
C ASP A 91 17.70 -17.65 7.74
N CYS A 92 18.39 -16.82 6.97
CA CYS A 92 17.78 -15.64 6.32
C CYS A 92 16.58 -16.07 5.47
N ASP A 93 16.80 -17.11 4.67
CA ASP A 93 15.78 -17.64 3.73
C ASP A 93 14.64 -18.32 4.49
N ARG A 94 15.04 -19.04 5.50
CA ARG A 94 14.14 -19.80 6.38
C ARG A 94 13.04 -18.86 6.94
N LEU A 95 13.53 -17.80 7.55
CA LEU A 95 12.72 -16.76 8.20
C LEU A 95 11.78 -16.06 7.20
N ALA A 96 12.32 -15.81 6.02
CA ALA A 96 11.59 -15.10 4.95
C ALA A 96 10.40 -15.93 4.43
N ALA A 97 10.62 -17.22 4.24
CA ALA A 97 9.59 -18.14 3.73
C ALA A 97 8.49 -18.34 4.77
N ILE A 98 8.89 -18.33 6.03
CA ILE A 98 7.96 -18.46 7.16
C ILE A 98 7.11 -17.18 7.24
N CYS A 99 7.76 -16.05 6.98
CA CYS A 99 7.10 -14.74 7.03
C CYS A 99 6.02 -14.62 5.93
N PHE A 100 6.39 -15.02 4.72
CA PHE A 100 5.50 -14.95 3.55
C PHE A 100 4.18 -15.70 3.78
N ALA A 101 4.30 -16.82 4.48
CA ALA A 101 3.17 -17.70 4.75
C ALA A 101 2.20 -17.07 5.77
N GLY A 102 2.65 -16.04 6.46
CA GLY A 102 1.82 -15.41 7.51
C GLY A 102 1.31 -14.02 7.10
N ALA A 103 1.64 -13.61 5.89
CA ALA A 103 1.25 -12.27 5.42
C ALA A 103 0.24 -12.36 4.27
N PRO A 104 -0.80 -11.53 4.30
CA PRO A 104 -1.77 -11.50 3.22
C PRO A 104 -1.11 -11.02 1.95
N TYR A 105 -1.50 -11.62 0.85
CA TYR A 105 -1.00 -11.21 -0.49
C TYR A 105 -2.05 -10.29 -1.11
N ASN A 106 -1.65 -9.05 -1.32
CA ASN A 106 -2.52 -8.04 -1.95
C ASN A 106 -2.09 -7.88 -3.40
N ASP A 107 -3.02 -8.22 -4.27
CA ASP A 107 -2.78 -8.25 -5.72
C ASP A 107 -2.47 -6.85 -6.29
N ASN A 108 -2.99 -5.83 -5.64
CA ASN A 108 -2.79 -4.43 -6.06
C ASN A 108 -1.33 -3.99 -5.87
N ASP A 109 -0.58 -4.79 -5.14
CA ASP A 109 0.81 -4.44 -4.81
C ASP A 109 1.84 -5.22 -5.64
N TYR A 110 1.35 -5.98 -6.61
CA TYR A 110 2.23 -6.74 -7.51
C TYR A 110 2.58 -5.90 -8.75
N ASN A 111 3.87 -5.80 -9.01
CA ASN A 111 4.41 -5.06 -10.17
C ASN A 111 3.93 -3.60 -10.15
N ILE A 112 4.16 -2.94 -9.02
CA ILE A 112 3.76 -1.54 -8.88
C ILE A 112 4.83 -0.62 -9.49
N ASN A 113 4.42 0.60 -9.76
CA ASN A 113 5.30 1.63 -10.32
C ASN A 113 6.20 2.15 -9.19
N LEU A 114 7.39 1.57 -9.16
CA LEU A 114 8.40 1.81 -8.12
C LEU A 114 8.81 3.29 -8.01
N LYS A 115 8.79 4.00 -9.13
CA LYS A 115 9.19 5.43 -9.15
C LYS A 115 8.09 6.31 -8.54
N ALA A 116 6.86 5.83 -8.66
CA ALA A 116 5.67 6.55 -8.15
C ALA A 116 5.47 6.24 -6.67
N ARG A 117 5.65 4.95 -6.34
CA ARG A 117 5.17 4.46 -5.03
C ARG A 117 6.27 4.32 -4.00
N CYS A 118 7.51 4.24 -4.42
CA CYS A 118 8.60 3.87 -3.48
C CYS A 118 9.53 5.02 -3.20
N ASN B 1 -20.71 21.33 1.80
CA ASN B 1 -20.63 20.75 3.12
C ASN B 1 -20.54 19.22 2.98
N LEU B 2 -20.09 18.56 4.03
CA LEU B 2 -19.86 17.10 4.03
C LEU B 2 -21.07 16.30 3.53
N TYR B 3 -22.25 16.75 3.86
CA TYR B 3 -23.47 16.04 3.43
C TYR B 3 -23.56 16.08 1.89
N GLN B 4 -23.11 17.17 1.30
CA GLN B 4 -23.14 17.35 -0.15
C GLN B 4 -22.02 16.57 -0.80
N PHE B 5 -20.89 16.53 -0.12
CA PHE B 5 -19.73 15.80 -0.61
C PHE B 5 -20.12 14.32 -0.78
N LYS B 6 -20.76 13.75 0.22
CA LYS B 6 -21.13 12.32 0.13
C LYS B 6 -22.17 12.09 -0.99
N ASN B 7 -22.94 13.11 -1.34
CA ASN B 7 -23.90 12.97 -2.46
C ASN B 7 -23.12 13.04 -3.78
N MET B 8 -22.04 13.78 -3.75
CA MET B 8 -21.14 13.92 -4.90
C MET B 8 -20.52 12.55 -5.19
N ILE B 9 -20.12 11.89 -4.12
CA ILE B 9 -19.50 10.57 -4.21
C ILE B 9 -20.50 9.55 -4.78
N GLN B 10 -21.76 9.75 -4.39
CA GLN B 10 -22.90 8.91 -4.83
C GLN B 10 -23.13 9.03 -6.33
N CYS B 11 -22.85 10.22 -6.79
CA CYS B 11 -23.00 10.57 -8.19
C CYS B 11 -21.99 9.84 -9.07
N THR B 12 -20.75 9.80 -8.61
CA THR B 12 -19.65 9.21 -9.39
C THR B 12 -19.38 7.73 -9.05
N VAL B 13 -19.60 7.30 -7.81
CA VAL B 13 -19.39 5.87 -7.49
C VAL B 13 -20.67 5.26 -6.88
N PRO B 14 -21.55 4.85 -7.80
CA PRO B 14 -22.87 4.27 -7.50
C PRO B 14 -22.91 3.06 -6.57
N SER B 15 -22.09 2.01 -6.73
CA SER B 15 -22.25 0.87 -5.77
C SER B 15 -21.01 0.54 -4.96
N ARG B 16 -20.74 1.53 -4.20
CA ARG B 16 -19.78 1.56 -3.12
C ARG B 16 -20.47 2.53 -2.16
N SER B 17 -20.58 2.17 -0.90
CA SER B 17 -21.23 3.07 0.08
C SER B 17 -20.23 4.14 0.51
N TRP B 18 -20.70 5.38 0.57
CA TRP B 18 -19.81 6.51 0.92
C TRP B 18 -19.03 6.22 2.19
N TRP B 19 -19.54 5.35 3.00
CA TRP B 19 -18.89 5.03 4.27
C TRP B 19 -17.58 4.25 4.02
N ASP B 20 -17.49 3.62 2.86
CA ASP B 20 -16.30 2.82 2.49
C ASP B 20 -15.03 3.69 2.40
N PHE B 21 -15.22 4.99 2.23
CA PHE B 21 -14.09 5.93 2.04
C PHE B 21 -13.78 6.75 3.31
N ALA B 22 -14.57 6.54 4.34
CA ALA B 22 -14.46 7.30 5.60
C ALA B 22 -13.26 6.84 6.48
N ASP B 23 -12.63 5.74 6.13
CA ASP B 23 -11.47 5.23 6.91
C ASP B 23 -10.63 4.31 6.02
N TYR B 24 -9.99 4.95 5.04
CA TYR B 24 -9.20 4.25 4.02
C TYR B 24 -7.81 4.90 3.88
N GLY B 25 -6.80 4.05 3.91
CA GLY B 25 -5.40 4.46 3.76
C GLY B 25 -4.98 5.44 4.85
N CYS B 26 -4.05 6.30 4.50
CA CYS B 26 -3.48 7.26 5.43
C CYS B 26 -4.19 8.62 5.38
N TYR B 27 -4.92 8.90 4.31
CA TYR B 27 -5.52 10.25 4.15
C TYR B 27 -7.08 10.29 4.06
N CYS B 28 -7.73 9.15 3.81
CA CYS B 28 -9.23 9.11 3.69
C CYS B 28 -9.87 8.93 5.03
N GLY B 29 -10.40 10.05 5.45
CA GLY B 29 -11.04 10.22 6.74
C GLY B 29 -10.56 11.56 7.31
N ARG B 30 -10.91 11.83 8.54
CA ARG B 30 -10.50 13.10 9.14
C ARG B 30 -8.98 13.14 9.30
N GLY B 31 -8.43 14.22 8.78
CA GLY B 31 -6.98 14.46 8.79
C GLY B 31 -6.31 13.53 7.77
N GLY B 32 -5.04 13.27 8.04
CA GLY B 32 -4.21 12.40 7.21
C GLY B 32 -2.80 12.97 7.10
N SER B 33 -1.87 12.07 6.94
CA SER B 33 -0.44 12.40 6.78
C SER B 33 0.32 11.11 6.46
N GLY B 34 1.54 11.31 6.03
CA GLY B 34 2.42 10.21 5.63
C GLY B 34 2.41 10.08 4.12
N THR B 35 2.68 8.87 3.70
CA THR B 35 2.78 8.49 2.28
C THR B 35 1.49 7.79 1.82
N PRO B 36 0.82 8.33 0.79
CA PRO B 36 -0.41 7.73 0.29
C PRO B 36 -0.14 6.30 -0.11
N VAL B 37 -1.01 5.42 0.36
CA VAL B 37 -0.83 3.97 0.15
C VAL B 37 -1.24 3.52 -1.26
N ASP B 38 -2.00 4.34 -1.97
CA ASP B 38 -2.40 4.05 -3.37
C ASP B 38 -3.04 5.29 -3.99
N ASP B 39 -3.51 5.12 -5.22
CA ASP B 39 -4.12 6.21 -6.01
C ASP B 39 -5.39 6.78 -5.34
N LEU B 40 -6.15 5.91 -4.74
CA LEU B 40 -7.40 6.30 -4.04
C LEU B 40 -6.99 7.21 -2.86
N ASP B 41 -5.99 6.77 -2.11
CA ASP B 41 -5.49 7.50 -0.95
C ASP B 41 -4.95 8.88 -1.35
N ARG B 42 -4.39 8.91 -2.54
CA ARG B 42 -3.81 10.13 -3.08
C ARG B 42 -4.92 11.15 -3.44
N CYS B 43 -6.06 10.67 -3.92
CA CYS B 43 -7.18 11.59 -4.22
C CYS B 43 -7.53 12.38 -2.96
N CYS B 44 -7.52 11.64 -1.87
CA CYS B 44 -7.85 12.17 -0.55
C CYS B 44 -6.82 13.16 -0.06
N GLN B 45 -5.55 12.91 -0.34
CA GLN B 45 -4.52 13.84 0.12
C GLN B 45 -4.60 15.14 -0.69
N VAL B 46 -4.91 15.11 -1.99
CA VAL B 46 -5.02 16.43 -2.66
C VAL B 46 -6.37 17.06 -2.24
N HIS B 47 -7.38 16.25 -1.92
CA HIS B 47 -8.67 16.80 -1.42
C HIS B 47 -8.40 17.55 -0.11
N ASP B 48 -7.68 16.88 0.79
CA ASP B 48 -7.33 17.45 2.11
C ASP B 48 -6.57 18.77 1.93
N ASN B 49 -5.62 18.74 1.01
CA ASN B 49 -4.79 19.91 0.68
C ASN B 49 -5.65 21.01 0.07
N CYS B 50 -6.57 20.59 -0.77
CA CYS B 50 -7.49 21.52 -1.43
C CYS B 50 -8.32 22.26 -0.36
N TYR B 51 -8.68 21.53 0.69
CA TYR B 51 -9.46 22.07 1.82
C TYR B 51 -8.60 23.05 2.63
N ASN B 52 -7.34 22.71 2.74
CA ASN B 52 -6.35 23.52 3.47
C ASN B 52 -6.25 24.93 2.84
N GLU B 53 -6.37 24.95 1.51
CA GLU B 53 -6.29 26.18 0.71
C GLU B 53 -7.55 27.05 0.86
N ALA B 54 -8.68 26.39 0.82
CA ALA B 54 -10.00 27.05 0.90
C ALA B 54 -10.22 27.71 2.27
N GLU B 55 -9.56 27.14 3.27
CA GLU B 55 -9.64 27.61 4.66
C GLU B 55 -8.86 28.92 4.85
N LYS B 56 -7.94 29.13 3.92
CA LYS B 56 -7.05 30.31 3.90
C LYS B 56 -7.81 31.54 3.42
N ILE B 57 -9.03 31.30 3.00
CA ILE B 57 -9.97 32.36 2.64
C ILE B 57 -10.75 32.46 3.93
N SER B 58 -10.53 33.53 4.68
CA SER B 58 -11.04 33.53 6.05
C SER B 58 -12.54 33.65 6.14
N GLY B 59 -12.97 32.92 7.14
CA GLY B 59 -14.37 32.73 7.47
C GLY B 59 -14.91 31.52 6.68
N CYS B 60 -14.02 30.86 5.94
CA CYS B 60 -14.39 29.69 5.10
C CYS B 60 -14.07 28.38 5.84
N TRP B 61 -15.12 27.62 6.11
CA TRP B 61 -15.00 26.31 6.78
C TRP B 61 -15.57 25.24 5.85
N PRO B 62 -14.68 24.53 5.15
CA PRO B 62 -15.07 23.56 4.13
C PRO B 62 -16.07 22.52 4.59
N TYR B 63 -16.03 22.14 5.84
CA TYR B 63 -16.92 21.08 6.34
C TYR B 63 -18.41 21.46 6.30
N PHE B 64 -18.69 22.71 6.63
CA PHE B 64 -20.07 23.18 6.82
C PHE B 64 -20.59 24.16 5.76
N LYS B 65 -19.72 24.63 4.90
CA LYS B 65 -20.16 25.56 3.83
C LYS B 65 -20.94 24.82 2.75
N THR B 66 -22.20 25.17 2.61
CA THR B 66 -23.02 24.54 1.59
C THR B 66 -22.80 25.36 0.30
N TYR B 67 -22.89 24.64 -0.79
CA TYR B 67 -22.66 25.19 -2.12
C TYR B 67 -23.72 24.65 -3.08
N SER B 68 -23.69 25.16 -4.29
CA SER B 68 -24.59 24.72 -5.37
C SER B 68 -23.79 23.92 -6.38
N TYR B 69 -24.36 22.82 -6.77
CA TYR B 69 -23.74 21.92 -7.74
C TYR B 69 -24.83 21.05 -8.36
N GLU B 70 -24.43 20.29 -9.36
CA GLU B 70 -25.33 19.40 -10.12
C GLU B 70 -24.65 18.10 -10.52
N CYS B 71 -25.41 17.03 -10.38
CA CYS B 71 -25.02 15.68 -10.81
C CYS B 71 -25.85 15.35 -12.06
N SER B 72 -25.16 14.98 -13.13
CA SER B 72 -25.80 14.55 -14.40
C SER B 72 -25.06 13.30 -14.89
N GLN B 73 -25.64 12.19 -14.48
CA GLN B 73 -25.13 10.80 -14.71
C GLN B 73 -23.60 10.73 -14.82
N GLY B 74 -22.97 10.69 -13.66
CA GLY B 74 -21.52 10.47 -13.54
C GLY B 74 -20.68 11.76 -13.55
N THR B 75 -21.27 12.86 -13.96
CA THR B 75 -20.53 14.13 -14.01
C THR B 75 -21.11 15.14 -13.01
N LEU B 76 -20.23 16.08 -12.67
CA LEU B 76 -20.52 17.13 -11.71
C LEU B 76 -19.99 18.49 -12.19
N THR B 77 -20.76 19.52 -11.85
CA THR B 77 -20.43 20.94 -12.07
C THR B 77 -20.98 21.77 -10.90
N CYS B 78 -20.25 22.80 -10.52
CA CYS B 78 -20.74 23.74 -9.49
C CYS B 78 -21.54 24.78 -10.22
N LYS B 79 -22.60 25.19 -9.58
CA LYS B 79 -23.58 26.13 -10.17
C LYS B 79 -23.58 27.49 -9.45
N GLY B 80 -24.52 28.31 -9.86
CA GLY B 80 -24.65 29.69 -9.38
C GLY B 80 -25.20 29.79 -7.96
N GLY B 81 -24.76 30.86 -7.31
CA GLY B 81 -25.18 31.21 -5.95
C GLY B 81 -24.03 31.01 -4.95
N ASN B 82 -22.90 30.59 -5.46
CA ASN B 82 -21.73 30.33 -4.63
C ASN B 82 -20.87 31.58 -4.45
N ASN B 83 -20.55 31.84 -3.19
CA ASN B 83 -19.63 32.91 -2.81
C ASN B 83 -18.23 32.29 -2.99
N ALA B 84 -17.19 33.06 -2.70
CA ALA B 84 -15.78 32.61 -2.90
C ALA B 84 -15.49 31.27 -2.22
N CYS B 85 -15.98 31.16 -1.00
CA CYS B 85 -15.81 29.94 -0.17
C CYS B 85 -16.49 28.72 -0.78
N ALA B 86 -17.77 28.89 -1.06
CA ALA B 86 -18.59 27.80 -1.62
C ALA B 86 -18.03 27.33 -2.97
N ALA B 87 -17.55 28.27 -3.75
CA ALA B 87 -16.97 27.98 -5.07
C ALA B 87 -15.73 27.09 -4.93
N ALA B 88 -14.89 27.46 -3.98
CA ALA B 88 -13.61 26.76 -3.74
C ALA B 88 -13.83 25.35 -3.16
N VAL B 89 -14.67 25.21 -2.13
CA VAL B 89 -14.85 23.87 -1.55
C VAL B 89 -15.68 23.01 -2.50
N CYS B 90 -16.57 23.62 -3.26
CA CYS B 90 -17.35 22.87 -4.27
C CYS B 90 -16.38 22.26 -5.31
N ASP B 91 -15.37 23.04 -5.67
CA ASP B 91 -14.39 22.61 -6.66
C ASP B 91 -13.53 21.47 -6.09
N CYS B 92 -13.20 21.59 -4.82
CA CYS B 92 -12.42 20.58 -4.08
C CYS B 92 -13.15 19.23 -4.08
N ASP B 93 -14.41 19.30 -3.72
CA ASP B 93 -15.29 18.13 -3.60
C ASP B 93 -15.52 17.48 -4.97
N ARG B 94 -15.77 18.31 -5.95
CA ARG B 94 -16.03 17.86 -7.34
C ARG B 94 -14.84 17.00 -7.85
N LEU B 95 -13.67 17.59 -7.77
CA LEU B 95 -12.40 16.97 -8.22
C LEU B 95 -12.12 15.65 -7.44
N ALA B 96 -12.44 15.65 -6.15
CA ALA B 96 -12.19 14.46 -5.31
C ALA B 96 -13.15 13.32 -5.66
N ALA B 97 -14.42 13.66 -5.84
CA ALA B 97 -15.44 12.64 -6.18
C ALA B 97 -15.17 12.09 -7.59
N ILE B 98 -14.55 12.91 -8.42
CA ILE B 98 -14.23 12.50 -9.79
C ILE B 98 -13.01 11.55 -9.75
N CYS B 99 -12.10 11.89 -8.85
CA CYS B 99 -10.87 11.10 -8.62
C CYS B 99 -11.22 9.69 -8.08
N PHE B 100 -12.11 9.66 -7.08
CA PHE B 100 -12.53 8.39 -6.44
C PHE B 100 -13.02 7.35 -7.45
N ALA B 101 -13.69 7.84 -8.49
CA ALA B 101 -14.29 6.96 -9.51
C ALA B 101 -13.24 6.30 -10.42
N GLY B 102 -12.09 6.92 -10.58
CA GLY B 102 -11.04 6.42 -11.50
C GLY B 102 -9.88 5.69 -10.82
N ALA B 103 -10.02 5.50 -9.52
CA ALA B 103 -9.02 4.82 -8.70
C ALA B 103 -9.59 3.50 -8.20
N PRO B 104 -8.84 2.38 -8.29
CA PRO B 104 -9.31 1.11 -7.76
C PRO B 104 -9.40 1.18 -6.24
N TYR B 105 -10.39 0.51 -5.70
CA TYR B 105 -10.58 0.42 -4.23
C TYR B 105 -10.00 -0.91 -3.76
N ASN B 106 -9.02 -0.82 -2.89
CA ASN B 106 -8.33 -2.00 -2.32
C ASN B 106 -8.76 -2.20 -0.86
N ASP B 107 -9.52 -3.26 -0.63
CA ASP B 107 -10.07 -3.56 0.72
C ASP B 107 -8.96 -3.68 1.75
N ASN B 108 -7.82 -4.15 1.30
CA ASN B 108 -6.67 -4.35 2.17
C ASN B 108 -6.17 -3.00 2.72
N ASP B 109 -6.68 -1.91 2.15
CA ASP B 109 -6.23 -0.57 2.57
C ASP B 109 -7.26 0.15 3.47
N TYR B 110 -8.35 -0.53 3.78
CA TYR B 110 -9.40 0.03 4.66
C TYR B 110 -9.05 -0.26 6.13
N ASN B 111 -9.23 0.75 6.94
CA ASN B 111 -8.98 0.67 8.38
C ASN B 111 -7.65 -0.04 8.65
N ILE B 112 -6.59 0.62 8.25
CA ILE B 112 -5.22 0.14 8.47
C ILE B 112 -4.66 0.82 9.71
N ASN B 113 -3.61 0.21 10.21
CA ASN B 113 -2.87 0.72 11.35
C ASN B 113 -2.07 1.93 10.88
N LEU B 114 -2.64 3.09 11.15
CA LEU B 114 -2.10 4.40 10.76
C LEU B 114 -0.68 4.56 11.32
N LYS B 115 -0.53 4.01 12.50
CA LYS B 115 0.72 4.05 13.27
C LYS B 115 1.83 3.27 12.55
N ALA B 116 1.46 2.12 12.00
CA ALA B 116 2.40 1.22 11.30
C ALA B 116 2.70 1.69 9.88
N ARG B 117 1.71 2.12 9.11
CA ARG B 117 1.86 2.38 7.69
C ARG B 117 1.96 3.83 7.28
N CYS B 118 1.73 4.79 8.14
CA CYS B 118 1.68 6.20 7.72
C CYS B 118 2.69 7.02 8.49
CA CA C . 14.58 -7.29 -2.22
CA CA D . 9.66 -4.87 -5.85
C1 GEL E . 16.46 -12.05 -3.84
O1 GEL E . 15.54 -12.34 -4.90
C11 GEL E . 15.82 -11.70 -6.15
C12 GEL E . 14.58 -11.97 -7.03
C13 GEL E . 14.88 -12.50 -8.41
C14 GEL E . 14.35 -13.88 -8.71
C15 GEL E . 15.11 -14.86 -9.58
C16 GEL E . 14.66 -16.30 -9.58
C17 GEL E . 15.70 -17.39 -9.57
C18 GEL E . 15.21 -18.81 -9.33
C2 GEL E . 15.91 -11.05 -2.87
O2 GEL E . 14.91 -11.65 -1.96
P2 GEL E . 13.47 -10.92 -1.85
O1P GEL E . 13.22 -10.93 -0.37
O2P GEL E . 13.67 -9.50 -2.20
C22 GEL E . 12.05 -11.67 -2.74
C23 GEL E . 12.39 -12.66 -3.78
C24 GEL E . 11.24 -13.53 -4.27
C25 GEL E . 11.68 -14.45 -5.39
C26 GEL E . 12.32 -15.73 -4.85
C27 GEL E . 13.46 -16.18 -5.74
C28 GEL E . 13.64 -17.68 -5.78
C3 GEL E . 16.88 -10.45 -1.84
O3 GEL E . 18.02 -9.93 -2.52
P3 GEL E . 18.21 -8.36 -2.79
O3P GEL E . 19.24 -8.22 -3.86
O4P GEL E . 16.92 -7.72 -3.03
O5P GEL E . 18.87 -8.09 -1.40
C31 GEL E . 20.25 -8.04 -1.11
C32 GEL E . 20.63 -6.61 -0.86
N3 GEL E . 21.83 -6.62 0.02
CA CA F . -8.50 13.34 4.95
CA CA G . -7.48 7.33 6.76
C1 GEL H . -12.91 14.49 5.43
O1 GEL H . -14.21 14.88 5.03
C11 GEL H . -15.18 14.21 5.86
C12 GEL H . -14.49 13.12 6.64
C13 GEL H . -15.08 12.86 7.99
C14 GEL H . -16.17 11.83 8.07
C15 GEL H . -16.69 11.08 9.27
C16 GEL H . -15.82 11.06 10.51
C17 GEL H . -15.40 9.66 10.95
C18 GEL H . -15.90 9.23 12.32
C2 GEL H . -11.91 14.87 4.42
O2 GEL H . -12.19 14.37 3.09
P2 GEL H . -11.48 12.99 2.65
O1P GEL H . -10.72 13.39 1.41
O2P GEL H . -10.37 12.75 3.61
C22 GEL H . -12.66 11.65 2.31
C23 GEL H . -13.67 11.28 3.38
C24 GEL H . -14.88 10.58 2.79
C25 GEL H . -16.18 10.90 3.55
C26 GEL H . -17.39 11.02 2.65
C27 GEL H . -18.52 11.76 3.32
C28 GEL H . -18.86 12.82 4.41
C3 GEL H . -11.49 16.30 4.27
O3 GEL H . -11.12 16.88 5.47
P3 GEL H . -9.87 16.57 6.41
O3P GEL H . -10.21 16.98 7.81
O4P GEL H . -9.32 15.21 6.26
O5P GEL H . -9.13 17.66 5.59
C31 GEL H . -7.87 18.24 5.71
C32 GEL H . -8.07 19.73 5.88
N3 GEL H . -7.61 20.08 7.25
#